data_7WEG
#
_entry.id   7WEG
#
_cell.length_a   41.603
_cell.length_b   62.918
_cell.length_c   46.030
_cell.angle_alpha   90.000
_cell.angle_beta   95.190
_cell.angle_gamma   90.000
#
_symmetry.space_group_name_H-M   'P 1 21 1'
#
loop_
_entity.id
_entity.type
_entity.pdbx_description
1 polymer 'PDZ domain-containing protein 7'
2 polymer FCHSD2
3 non-polymer 'ZINC ION'
4 water water
#
loop_
_entity_poly.entity_id
_entity_poly.type
_entity_poly.pdbx_seq_one_letter_code
_entity_poly.pdbx_strand_id
1 'polypeptide(L)'
;GPGSRIAEEAVGNVSTGALRTITLSKMKQSLGISISGGIESKVQPMVKIEKIFPGGAAFLCGDLQAGFELVAVDGESLEQ
VTHQRAVDTIRRAYRNKAREPMELVVRVP
;
A,B
2 'polypeptide(L)' GPGSTEKMEDVEITLV C,D
#
loop_
_chem_comp.id
_chem_comp.type
_chem_comp.name
_chem_comp.formula
ZN non-polymer 'ZINC ION' 'Zn 2'
#
# COMPACT_ATOMS: atom_id res chain seq x y z
N VAL A 14 15.13 4.32 16.05
CA VAL A 14 13.77 3.99 15.68
C VAL A 14 12.96 3.66 16.92
N SER A 15 11.72 4.11 16.96
CA SER A 15 10.85 3.87 18.10
C SER A 15 10.29 2.44 18.06
N THR A 16 9.86 1.95 19.23
CA THR A 16 9.31 0.60 19.32
C THR A 16 8.05 0.49 18.45
N GLY A 17 8.01 -0.54 17.62
CA GLY A 17 6.81 -0.79 16.83
C GLY A 17 6.60 0.13 15.66
N ALA A 18 7.64 0.85 15.25
CA ALA A 18 7.57 1.73 14.07
C ALA A 18 7.12 0.97 12.82
N LEU A 19 6.33 1.64 12.02
CA LEU A 19 5.84 1.02 10.78
C LEU A 19 6.91 1.16 9.70
N ARG A 20 7.06 0.15 8.87
CA ARG A 20 8.03 0.15 7.77
C ARG A 20 7.45 -0.64 6.60
N THR A 21 7.56 -0.10 5.39
CA THR A 21 7.12 -0.82 4.21
C THR A 21 8.35 -1.38 3.53
N ILE A 22 8.34 -2.69 3.28
CA ILE A 22 9.49 -3.41 2.68
C ILE A 22 9.03 -4.17 1.44
N THR A 23 9.76 -4.02 0.33
CA THR A 23 9.43 -4.78 -0.88
C THR A 23 10.31 -6.01 -1.01
N LEU A 24 9.72 -7.07 -1.57
CA LEU A 24 10.40 -8.34 -1.67
C LEU A 24 10.04 -9.00 -2.99
N SER A 25 11.05 -9.37 -3.77
CA SER A 25 10.80 -10.04 -5.06
C SER A 25 10.20 -11.43 -4.85
N LYS A 26 9.34 -11.85 -5.77
CA LYS A 26 8.71 -13.19 -5.72
C LYS A 26 9.47 -14.20 -6.59
N MET A 27 10.66 -13.84 -7.06
CA MET A 27 11.44 -14.69 -8.01
C MET A 27 11.80 -16.04 -7.39
N LYS A 28 12.30 -16.05 -6.16
CA LYS A 28 12.65 -17.33 -5.48
C LYS A 28 11.36 -18.16 -5.31
N GLN A 29 11.47 -19.48 -5.45
CA GLN A 29 10.28 -20.37 -5.36
C GLN A 29 9.80 -20.40 -3.91
N SER A 30 10.73 -20.28 -2.96
CA SER A 30 10.36 -20.27 -1.52
C SER A 30 10.46 -18.87 -0.91
N LEU A 31 9.44 -18.49 -0.17
CA LEU A 31 9.54 -17.24 0.59
C LEU A 31 10.62 -17.45 1.65
N GLY A 32 10.71 -18.68 2.19
CA GLY A 32 11.76 -18.97 3.15
C GLY A 32 11.55 -18.33 4.51
N ILE A 33 10.32 -18.23 4.98
CA ILE A 33 10.04 -17.73 6.35
C ILE A 33 9.03 -18.60 7.09
N SER A 34 9.15 -18.67 8.41
CA SER A 34 8.13 -19.30 9.26
C SER A 34 7.42 -18.13 9.93
N ILE A 35 6.11 -18.20 10.06
CA ILE A 35 5.39 -17.15 10.79
C ILE A 35 4.75 -17.73 12.05
N SER A 36 4.58 -16.88 13.06
CA SER A 36 4.04 -17.31 14.36
C SER A 36 2.91 -16.39 14.78
N GLY A 37 2.01 -16.93 15.60
CA GLY A 37 0.96 -16.08 16.17
C GLY A 37 -0.32 -16.01 15.41
N GLY A 38 -1.23 -15.19 15.87
CA GLY A 38 -2.59 -15.16 15.31
C GLY A 38 -3.59 -14.89 16.41
N ILE A 39 -4.73 -14.33 16.06
CA ILE A 39 -5.74 -13.86 17.07
C ILE A 39 -6.22 -14.96 18.04
N GLU A 40 -6.19 -16.22 17.67
CA GLU A 40 -6.58 -17.28 18.65
C GLU A 40 -5.54 -17.40 19.78
N SER A 41 -4.32 -16.91 19.55
CA SER A 41 -3.26 -17.00 20.57
C SER A 41 -3.46 -15.92 21.63
N LYS A 42 -3.42 -16.33 22.89
CA LYS A 42 -3.49 -15.34 24.02
C LYS A 42 -2.08 -14.79 24.26
N VAL A 43 -1.04 -15.59 24.01
CA VAL A 43 0.38 -15.21 24.22
C VAL A 43 0.89 -14.34 23.07
N GLN A 44 0.59 -14.70 21.83
CA GLN A 44 1.03 -13.91 20.65
C GLN A 44 -0.16 -13.67 19.72
N PRO A 45 -1.05 -12.72 20.05
CA PRO A 45 -2.17 -12.40 19.18
C PRO A 45 -1.72 -11.89 17.81
N MET A 46 -0.54 -11.32 17.72
CA MET A 46 -0.08 -10.74 16.44
C MET A 46 0.74 -11.75 15.63
N VAL A 47 0.73 -11.58 14.31
CA VAL A 47 1.54 -12.45 13.42
C VAL A 47 2.93 -11.87 13.32
N LYS A 48 3.91 -12.68 13.69
CA LYS A 48 5.30 -12.24 13.56
C LYS A 48 6.09 -13.22 12.68
N ILE A 49 7.17 -12.73 12.07
CA ILE A 49 8.10 -13.63 11.35
C ILE A 49 8.82 -14.40 12.45
N GLU A 50 8.70 -15.71 12.40
CA GLU A 50 9.35 -16.52 13.42
C GLU A 50 10.81 -16.76 13.06
N LYS A 51 11.06 -17.21 11.84
CA LYS A 51 12.45 -17.48 11.39
C LYS A 51 12.61 -17.19 9.89
N ILE A 52 13.79 -16.70 9.51
CA ILE A 52 14.11 -16.45 8.08
C ILE A 52 15.10 -17.54 7.65
N PHE A 53 14.75 -18.28 6.60
CA PHE A 53 15.52 -19.50 6.20
C PHE A 53 16.38 -19.28 4.96
N PRO A 54 17.60 -19.85 4.95
CA PRO A 54 18.45 -19.80 3.75
C PRO A 54 17.78 -20.38 2.50
N GLY A 55 18.05 -19.79 1.34
CA GLY A 55 17.51 -20.25 0.08
C GLY A 55 16.28 -19.50 -0.38
N GLY A 56 15.56 -18.86 0.55
CA GLY A 56 14.32 -18.22 0.21
C GLY A 56 14.50 -16.76 -0.16
N ALA A 57 13.40 -16.11 -0.48
CA ALA A 57 13.45 -14.69 -0.88
C ALA A 57 13.79 -13.78 0.31
N ALA A 58 13.27 -14.10 1.48
CA ALA A 58 13.47 -13.15 2.61
C ALA A 58 14.91 -13.09 3.12
N PHE A 59 15.62 -14.20 3.05
CA PHE A 59 17.03 -14.27 3.50
C PHE A 59 17.86 -13.23 2.75
N LEU A 60 17.37 -12.78 1.59
CA LEU A 60 18.15 -11.86 0.77
C LEU A 60 17.82 -10.41 1.02
N CYS A 61 16.85 -10.10 1.88
CA CYS A 61 16.44 -8.72 2.14
C CYS A 61 17.05 -8.30 3.47
N GLY A 62 17.96 -7.33 3.40
CA GLY A 62 18.62 -6.86 4.60
C GLY A 62 17.78 -6.03 5.53
N ASP A 63 16.53 -5.70 5.17
CA ASP A 63 15.60 -4.98 6.02
C ASP A 63 14.62 -5.89 6.74
N LEU A 64 14.60 -7.17 6.39
CA LEU A 64 13.67 -8.13 7.02
C LEU A 64 14.40 -8.89 8.13
N GLN A 65 13.79 -8.91 9.30
CA GLN A 65 14.37 -9.67 10.42
C GLN A 65 13.29 -10.49 11.13
N ALA A 66 13.71 -11.60 11.69
CA ALA A 66 12.78 -12.38 12.54
C ALA A 66 12.37 -11.49 13.70
N GLY A 67 11.13 -11.63 14.14
CA GLY A 67 10.63 -10.78 15.20
C GLY A 67 9.84 -9.58 14.73
N PHE A 68 9.80 -9.34 13.44
CA PHE A 68 8.96 -8.23 12.93
C PHE A 68 7.50 -8.66 12.94
N GLU A 69 6.61 -7.73 13.21
CA GLU A 69 5.16 -8.02 13.23
C GLU A 69 4.66 -7.75 11.80
N LEU A 70 3.91 -8.68 11.21
CA LEU A 70 3.32 -8.50 9.87
C LEU A 70 2.00 -7.73 9.99
N VAL A 71 1.89 -6.62 9.28
CA VAL A 71 0.68 -5.75 9.34
C VAL A 71 -0.11 -5.93 8.04
N ALA A 72 0.59 -6.02 6.90
CA ALA A 72 -0.13 -6.15 5.63
C ALA A 72 0.77 -6.79 4.56
N VAL A 73 0.13 -7.48 3.63
CA VAL A 73 0.87 -8.09 2.49
C VAL A 73 0.06 -7.83 1.23
N ASP A 74 0.68 -7.11 0.29
CA ASP A 74 0.03 -6.79 -1.02
C ASP A 74 -1.33 -6.12 -0.77
N GLY A 75 -1.40 -5.24 0.22
CA GLY A 75 -2.62 -4.47 0.48
C GLY A 75 -3.63 -5.21 1.33
N GLU A 76 -3.35 -6.46 1.66
CA GLU A 76 -4.28 -7.27 2.47
C GLU A 76 -3.84 -7.22 3.93
N SER A 77 -4.75 -6.75 4.79
CA SER A 77 -4.43 -6.62 6.23
C SER A 77 -4.20 -7.97 6.88
N LEU A 78 -3.19 -8.03 7.71
CA LEU A 78 -2.93 -9.23 8.52
C LEU A 78 -3.21 -8.86 9.98
N GLU A 79 -3.86 -7.72 10.19
CA GLU A 79 -4.16 -7.26 11.55
C GLU A 79 -5.32 -8.05 12.13
N GLN A 80 -5.10 -8.71 13.28
CA GLN A 80 -6.16 -9.40 14.02
C GLN A 80 -6.73 -10.58 13.23
N VAL A 81 -5.89 -11.14 12.37
CA VAL A 81 -6.31 -12.31 11.58
C VAL A 81 -5.91 -13.58 12.32
N THR A 82 -6.51 -14.69 11.93
CA THR A 82 -6.10 -15.99 12.49
C THR A 82 -4.78 -16.38 11.83
N HIS A 83 -4.07 -17.28 12.49
CA HIS A 83 -2.81 -17.81 11.91
C HIS A 83 -3.10 -18.40 10.54
N GLN A 84 -4.17 -19.17 10.42
CA GLN A 84 -4.55 -19.83 9.16
C GLN A 84 -4.77 -18.81 8.05
N ARG A 85 -5.50 -17.73 8.31
CA ARG A 85 -5.72 -16.67 7.29
C ARG A 85 -4.37 -16.03 6.90
N ALA A 86 -3.51 -15.74 7.86
CA ALA A 86 -2.20 -15.11 7.60
C ALA A 86 -1.41 -16.01 6.63
N VAL A 87 -1.24 -17.27 6.99
CA VAL A 87 -0.53 -18.26 6.13
C VAL A 87 -1.15 -18.23 4.73
N ASP A 88 -2.48 -18.36 4.65
CA ASP A 88 -3.18 -18.38 3.33
C ASP A 88 -2.93 -17.09 2.58
N THR A 89 -3.06 -15.95 3.25
CA THR A 89 -2.95 -14.63 2.58
C THR A 89 -1.52 -14.43 2.02
N ILE A 90 -0.51 -14.77 2.80
CA ILE A 90 0.90 -14.56 2.34
C ILE A 90 1.21 -15.53 1.18
N ARG A 91 0.83 -16.78 1.35
CA ARG A 91 0.99 -17.79 0.27
C ARG A 91 0.37 -17.27 -1.03
N ARG A 92 -0.87 -16.82 -1.00
CA ARG A 92 -1.54 -16.34 -2.23
C ARG A 92 -0.76 -15.15 -2.80
N ALA A 93 -0.38 -14.19 -1.96
CA ALA A 93 0.39 -13.02 -2.43
C ALA A 93 1.71 -13.46 -3.07
N TYR A 94 2.47 -14.34 -2.42
CA TYR A 94 3.80 -14.71 -2.96
C TYR A 94 3.68 -15.52 -4.26
N ARG A 95 2.58 -16.26 -4.44
CA ARG A 95 2.35 -17.07 -5.66
C ARG A 95 1.73 -16.22 -6.75
N ASN A 96 1.27 -15.00 -6.46
CA ASN A 96 0.75 -14.05 -7.48
C ASN A 96 1.95 -13.35 -8.11
N LYS A 97 2.62 -14.03 -9.05
CA LYS A 97 3.89 -13.52 -9.62
C LYS A 97 3.68 -12.23 -10.43
N ALA A 98 2.50 -12.02 -10.99
CA ALA A 98 2.27 -10.83 -11.81
C ALA A 98 2.49 -9.55 -11.01
N ARG A 99 2.12 -9.57 -9.72
CA ARG A 99 2.32 -8.45 -8.81
C ARG A 99 3.74 -8.55 -8.26
N GLU A 100 4.64 -7.75 -8.81
CA GLU A 100 6.06 -7.80 -8.45
C GLU A 100 6.57 -6.39 -8.21
N PRO A 101 7.28 -6.13 -7.11
CA PRO A 101 7.64 -7.08 -6.05
C PRO A 101 6.51 -7.22 -5.04
N MET A 102 6.68 -8.10 -4.07
CA MET A 102 5.71 -8.19 -2.96
C MET A 102 5.92 -7.00 -2.02
N GLU A 103 4.86 -6.47 -1.47
CA GLU A 103 4.92 -5.38 -0.52
C GLU A 103 4.47 -5.88 0.84
N LEU A 104 5.35 -5.76 1.84
CA LEU A 104 5.07 -6.22 3.21
C LEU A 104 5.13 -5.01 4.15
N VAL A 105 4.01 -4.68 4.80
CA VAL A 105 4.01 -3.60 5.83
C VAL A 105 4.26 -4.29 7.17
N VAL A 106 5.23 -3.79 7.92
CA VAL A 106 5.64 -4.44 9.18
C VAL A 106 5.77 -3.43 10.31
N ARG A 107 5.86 -3.91 11.55
CA ARG A 107 6.14 -3.06 12.72
C ARG A 107 7.42 -3.64 13.32
N VAL A 108 8.47 -2.83 13.38
CA VAL A 108 9.79 -3.33 13.87
C VAL A 108 9.79 -3.41 15.40
N PRO A 109 10.62 -4.25 16.06
CA PRO A 109 10.64 -4.26 17.52
C PRO A 109 11.02 -2.92 18.15
N VAL B 14 -16.38 14.85 10.62
CA VAL B 14 -14.93 14.71 10.37
C VAL B 14 -14.25 16.07 10.47
N SER B 15 -13.03 16.05 10.93
CA SER B 15 -12.21 17.29 11.09
C SER B 15 -11.72 17.82 9.74
N THR B 16 -11.36 19.10 9.70
CA THR B 16 -10.79 19.71 8.48
C THR B 16 -9.47 19.01 8.15
N GLY B 17 -9.33 18.52 6.92
CA GLY B 17 -8.06 17.93 6.53
C GLY B 17 -7.81 16.52 7.04
N ALA B 18 -8.85 15.86 7.52
CA ALA B 18 -8.73 14.48 8.04
C ALA B 18 -8.18 13.52 6.99
N LEU B 19 -7.33 12.61 7.44
CA LEU B 19 -6.73 11.61 6.54
C LEU B 19 -7.74 10.48 6.27
N ARG B 20 -7.77 10.01 5.03
CA ARG B 20 -8.66 8.89 4.64
C ARG B 20 -7.97 8.06 3.55
N THR B 21 -8.12 6.75 3.61
CA THR B 21 -7.52 5.85 2.62
C THR B 21 -8.66 5.29 1.76
N ILE B 22 -8.53 5.41 0.43
CA ILE B 22 -9.60 4.99 -0.51
C ILE B 22 -9.00 4.08 -1.59
N THR B 23 -9.65 2.95 -1.86
CA THR B 23 -9.24 2.04 -2.91
C THR B 23 -10.04 2.33 -4.16
N LEU B 24 -9.40 2.14 -5.31
CA LEU B 24 -10.01 2.44 -6.59
C LEU B 24 -9.56 1.39 -7.59
N SER B 25 -10.50 0.67 -8.19
CA SER B 25 -10.12 -0.33 -9.21
C SER B 25 -9.45 0.34 -10.41
N LYS B 26 -8.50 -0.37 -11.02
CA LYS B 26 -7.81 0.14 -12.24
C LYS B 26 -8.44 -0.43 -13.52
N MET B 27 -9.66 -0.97 -13.43
CA MET B 27 -10.35 -1.63 -14.58
C MET B 27 -10.60 -0.64 -15.71
N LYS B 28 -11.17 0.52 -15.41
CA LYS B 28 -11.47 1.48 -16.49
C LYS B 28 -10.13 1.95 -17.09
N GLN B 29 -10.12 2.23 -18.40
CA GLN B 29 -8.86 2.63 -19.08
C GLN B 29 -8.49 4.05 -18.63
N SER B 30 -9.47 4.87 -18.31
CA SER B 30 -9.23 6.25 -17.85
C SER B 30 -9.48 6.37 -16.35
N LEU B 31 -8.58 7.03 -15.66
CA LEU B 31 -8.80 7.31 -14.22
C LEU B 31 -9.93 8.33 -14.14
N GLY B 32 -10.00 9.20 -15.15
CA GLY B 32 -11.11 10.17 -15.19
C GLY B 32 -11.01 11.27 -14.16
N ILE B 33 -9.80 11.74 -13.86
CA ILE B 33 -9.65 12.92 -12.97
C ILE B 33 -8.65 13.90 -13.52
N SER B 34 -8.87 15.16 -13.20
CA SER B 34 -7.84 16.19 -13.48
C SER B 34 -7.25 16.51 -12.11
N ILE B 35 -5.96 16.80 -12.04
CA ILE B 35 -5.33 17.20 -10.76
C ILE B 35 -4.79 18.63 -10.88
N SER B 36 -4.71 19.30 -9.75
CA SER B 36 -4.28 20.71 -9.71
C SER B 36 -3.21 20.90 -8.66
N GLY B 37 -2.30 21.81 -8.91
CA GLY B 37 -1.36 22.18 -7.85
C GLY B 37 -0.06 21.45 -7.85
N GLY B 38 0.77 21.80 -6.89
CA GLY B 38 2.14 21.30 -6.88
C GLY B 38 3.05 22.29 -6.18
N ILE B 39 4.16 21.78 -5.66
CA ILE B 39 5.10 22.60 -4.83
C ILE B 39 5.57 23.90 -5.50
N GLU B 40 5.63 23.94 -6.83
CA GLU B 40 6.02 25.18 -7.54
C GLU B 40 4.95 26.26 -7.41
N SER B 41 3.71 25.88 -7.13
CA SER B 41 2.61 26.88 -7.02
C SER B 41 2.68 27.56 -5.66
N LYS B 42 2.46 28.86 -5.63
CA LYS B 42 2.44 29.60 -4.36
C LYS B 42 0.99 29.62 -3.84
N VAL B 43 0.02 29.56 -4.74
CA VAL B 43 -1.43 29.61 -4.37
C VAL B 43 -1.90 28.20 -3.95
N GLN B 44 -1.46 27.16 -4.64
CA GLN B 44 -1.88 25.77 -4.32
C GLN B 44 -0.68 24.84 -4.32
N PRO B 45 0.17 24.89 -3.27
CA PRO B 45 1.31 24.03 -3.16
C PRO B 45 0.96 22.54 -3.14
N MET B 46 -0.25 22.22 -2.70
CA MET B 46 -0.67 20.81 -2.57
C MET B 46 -1.39 20.30 -3.84
N VAL B 47 -1.24 19.02 -4.10
CA VAL B 47 -1.94 18.36 -5.24
C VAL B 47 -3.36 18.03 -4.80
N LYS B 48 -4.32 18.60 -5.50
CA LYS B 48 -5.72 18.24 -5.22
C LYS B 48 -6.40 17.63 -6.46
N ILE B 49 -7.51 16.94 -6.25
CA ILE B 49 -8.33 16.48 -7.39
C ILE B 49 -9.13 17.71 -7.83
N GLU B 50 -8.97 18.14 -9.06
CA GLU B 50 -9.66 19.36 -9.57
C GLU B 50 -11.06 19.01 -10.07
N LYS B 51 -11.20 17.90 -10.78
CA LYS B 51 -12.49 17.51 -11.39
C LYS B 51 -12.53 15.99 -11.54
N ILE B 52 -13.70 15.39 -11.32
CA ILE B 52 -13.91 13.95 -11.58
C ILE B 52 -14.78 13.87 -12.83
N PHE B 53 -14.35 13.12 -13.83
CA PHE B 53 -15.03 13.08 -15.14
C PHE B 53 -15.80 11.79 -15.35
N PRO B 54 -17.00 11.84 -15.95
CA PRO B 54 -17.74 10.60 -16.28
C PRO B 54 -16.96 9.70 -17.21
N GLY B 55 -17.19 8.40 -17.08
CA GLY B 55 -16.49 7.43 -17.87
C GLY B 55 -15.27 6.83 -17.20
N GLY B 56 -14.71 7.53 -16.21
CA GLY B 56 -13.47 7.10 -15.59
C GLY B 56 -13.69 6.28 -14.34
N ALA B 57 -12.60 5.76 -13.81
CA ALA B 57 -12.68 4.94 -12.60
C ALA B 57 -13.16 5.77 -11.40
N ALA B 58 -12.70 7.01 -11.30
CA ALA B 58 -13.00 7.77 -10.08
C ALA B 58 -14.47 8.18 -9.99
N PHE B 59 -15.14 8.36 -11.14
CA PHE B 59 -16.55 8.77 -11.14
C PHE B 59 -17.42 7.74 -10.43
N LEU B 60 -16.90 6.52 -10.27
CA LEU B 60 -17.67 5.39 -9.76
C LEU B 60 -17.46 5.18 -8.28
N CYS B 61 -16.56 5.94 -7.66
CA CYS B 61 -16.26 5.82 -6.25
C CYS B 61 -16.97 6.93 -5.51
N GLY B 62 -17.96 6.56 -4.70
CA GLY B 62 -18.73 7.52 -3.94
C GLY B 62 -17.99 8.17 -2.80
N ASP B 63 -16.75 7.75 -2.54
CA ASP B 63 -15.93 8.33 -1.48
C ASP B 63 -14.94 9.36 -2.00
N LEU B 64 -14.83 9.51 -3.32
CA LEU B 64 -13.90 10.44 -3.94
C LEU B 64 -14.66 11.69 -4.39
N GLN B 65 -14.10 12.86 -4.10
CA GLN B 65 -14.73 14.11 -4.48
C GLN B 65 -13.65 15.05 -5.02
N ALA B 66 -14.10 15.99 -5.83
CA ALA B 66 -13.18 17.05 -6.25
C ALA B 66 -12.85 17.88 -5.01
N GLY B 67 -11.64 18.39 -4.94
CA GLY B 67 -11.19 19.16 -3.81
C GLY B 67 -10.40 18.38 -2.79
N PHE B 68 -10.40 17.06 -2.88
CA PHE B 68 -9.58 16.27 -1.95
C PHE B 68 -8.10 16.53 -2.20
N GLU B 69 -7.31 16.55 -1.15
CA GLU B 69 -5.85 16.70 -1.31
C GLU B 69 -5.28 15.30 -1.45
N LEU B 70 -4.47 15.09 -2.48
CA LEU B 70 -3.81 13.79 -2.68
C LEU B 70 -2.56 13.71 -1.82
N VAL B 71 -2.41 12.64 -1.07
CA VAL B 71 -1.31 12.46 -0.14
C VAL B 71 -0.37 11.34 -0.59
N ALA B 72 -0.92 10.25 -1.08
CA ALA B 72 -0.11 9.11 -1.49
C ALA B 72 -0.91 8.25 -2.47
N VAL B 73 -0.21 7.59 -3.38
CA VAL B 73 -0.81 6.63 -4.30
C VAL B 73 0.07 5.38 -4.38
N ASP B 74 -0.53 4.22 -4.10
CA ASP B 74 0.17 2.94 -4.15
C ASP B 74 1.47 3.00 -3.36
N GLY B 75 1.42 3.61 -2.18
CA GLY B 75 2.60 3.65 -1.35
C GLY B 75 3.64 4.68 -1.74
N GLU B 76 3.33 5.60 -2.65
CA GLU B 76 4.29 6.60 -3.08
C GLU B 76 3.81 7.98 -2.67
N SER B 77 4.67 8.74 -2.00
CA SER B 77 4.21 10.01 -1.44
C SER B 77 3.94 11.00 -2.55
N LEU B 78 2.85 11.74 -2.41
CA LEU B 78 2.57 12.91 -3.21
C LEU B 78 2.76 14.18 -2.39
N GLU B 79 3.32 14.07 -1.19
CA GLU B 79 3.51 15.24 -0.31
C GLU B 79 4.68 16.06 -0.80
N GLN B 80 4.43 17.36 -1.07
CA GLN B 80 5.44 18.35 -1.45
C GLN B 80 6.12 18.04 -2.79
N VAL B 81 5.40 17.34 -3.65
CA VAL B 81 5.93 17.01 -5.00
C VAL B 81 5.57 18.10 -6.00
N THR B 82 6.29 18.12 -7.11
CA THR B 82 5.88 19.02 -8.17
C THR B 82 4.64 18.48 -8.87
N HIS B 83 3.96 19.38 -9.58
CA HIS B 83 2.82 19.00 -10.41
C HIS B 83 3.19 17.87 -11.37
N GLN B 84 4.37 17.98 -11.99
CA GLN B 84 4.80 17.01 -13.00
C GLN B 84 5.05 15.64 -12.37
N ARG B 85 5.68 15.62 -11.20
CA ARG B 85 5.90 14.34 -10.54
C ARG B 85 4.57 13.72 -10.09
N ALA B 86 3.61 14.55 -9.68
CA ALA B 86 2.30 14.01 -9.26
C ALA B 86 1.65 13.31 -10.45
N VAL B 87 1.56 13.99 -11.59
CA VAL B 87 0.99 13.39 -12.79
C VAL B 87 1.68 12.08 -13.15
N ASP B 88 3.00 12.08 -13.19
CA ASP B 88 3.77 10.86 -13.59
C ASP B 88 3.52 9.72 -12.60
N THR B 89 3.53 10.01 -11.31
CA THR B 89 3.37 8.96 -10.26
C THR B 89 1.97 8.32 -10.35
N ILE B 90 0.93 9.13 -10.48
CA ILE B 90 -0.46 8.60 -10.52
C ILE B 90 -0.66 7.79 -11.81
N ARG B 91 -0.17 8.29 -12.93
CA ARG B 91 -0.23 7.53 -14.22
C ARG B 91 0.46 6.18 -14.11
N ARG B 92 1.68 6.16 -13.59
CA ARG B 92 2.44 4.89 -13.47
C ARG B 92 1.65 3.92 -12.58
N ALA B 93 1.14 4.40 -11.46
CA ALA B 93 0.34 3.56 -10.55
C ALA B 93 -0.92 3.04 -11.28
N TYR B 94 -1.66 3.91 -11.96
CA TYR B 94 -2.92 3.50 -12.61
C TYR B 94 -2.70 2.52 -13.79
N ARG B 95 -1.50 2.49 -14.36
CA ARG B 95 -1.16 1.58 -15.50
C ARG B 95 -0.54 0.30 -14.94
N ASN B 96 -0.17 0.27 -13.65
CA ASN B 96 0.36 -0.96 -12.99
C ASN B 96 -0.85 -1.82 -12.62
N LYS B 97 -1.46 -2.46 -13.62
CA LYS B 97 -2.75 -3.17 -13.45
C LYS B 97 -2.58 -4.38 -12.53
N ALA B 98 -1.38 -4.94 -12.48
CA ALA B 98 -1.21 -6.09 -11.62
C ALA B 98 -1.53 -5.76 -10.16
N ARG B 99 -1.25 -4.53 -9.73
CA ARG B 99 -1.53 -4.07 -8.35
C ARG B 99 -2.94 -3.53 -8.30
N GLU B 100 -3.87 -4.35 -7.85
CA GLU B 100 -5.29 -4.01 -7.90
C GLU B 100 -5.93 -4.31 -6.54
N PRO B 101 -6.71 -3.39 -5.98
CA PRO B 101 -7.01 -2.06 -6.54
C PRO B 101 -5.92 -1.00 -6.25
N MET B 102 -6.10 0.21 -6.77
CA MET B 102 -5.19 1.33 -6.44
C MET B 102 -5.49 1.83 -5.02
N GLU B 103 -4.47 2.31 -4.32
CA GLU B 103 -4.63 2.87 -2.98
C GLU B 103 -4.35 4.36 -2.98
N LEU B 104 -5.36 5.13 -2.63
CA LEU B 104 -5.22 6.60 -2.59
C LEU B 104 -5.36 7.08 -1.14
N VAL B 105 -4.35 7.75 -0.62
CA VAL B 105 -4.46 8.37 0.73
C VAL B 105 -4.75 9.84 0.46
N VAL B 106 -5.80 10.36 1.06
CA VAL B 106 -6.20 11.76 0.83
C VAL B 106 -6.48 12.53 2.12
N ARG B 107 -6.58 13.86 2.04
CA ARG B 107 -7.07 14.68 3.15
C ARG B 107 -8.35 15.36 2.67
N VAL B 108 -9.46 15.08 3.36
CA VAL B 108 -10.79 15.63 2.96
C VAL B 108 -10.90 17.09 3.39
N PRO B 109 -11.64 17.95 2.68
CA PRO B 109 -11.76 19.33 3.17
C PRO B 109 -12.53 19.44 4.51
N ASP C 10 -0.82 30.58 -11.11
CA ASP C 10 0.31 29.61 -11.13
C ASP C 10 -0.14 28.20 -10.72
N VAL C 11 -1.43 27.89 -10.82
CA VAL C 11 -1.90 26.51 -10.53
C VAL C 11 -2.03 25.75 -11.85
N GLU C 12 -1.25 24.70 -12.01
CA GLU C 12 -1.36 23.87 -13.20
C GLU C 12 -2.46 22.84 -13.01
N ILE C 13 -3.13 22.47 -14.12
CA ILE C 13 -4.24 21.50 -14.11
C ILE C 13 -4.04 20.53 -15.25
N THR C 14 -3.85 19.25 -14.91
CA THR C 14 -3.61 18.22 -15.93
C THR C 14 -4.57 17.02 -15.79
N LEU C 15 -5.22 16.65 -16.88
CA LEU C 15 -6.04 15.41 -16.90
C LEU C 15 -5.09 14.21 -16.80
N VAL C 16 -5.26 13.40 -15.77
CA VAL C 16 -4.31 12.28 -15.52
C VAL C 16 -4.65 11.07 -16.44
N ASP D 10 0.12 -21.32 23.37
CA ASP D 10 -0.85 -21.50 22.28
C ASP D 10 -0.34 -20.78 21.02
N VAL D 11 0.97 -20.81 20.77
CA VAL D 11 1.50 -20.05 19.60
C VAL D 11 1.75 -21.00 18.43
N GLU D 12 1.04 -20.78 17.35
CA GLU D 12 1.25 -21.59 16.14
C GLU D 12 2.37 -21.03 15.28
N ILE D 13 3.14 -21.93 14.65
CA ILE D 13 4.28 -21.60 13.80
C ILE D 13 4.21 -22.45 12.53
N THR D 14 4.12 -21.78 11.38
CA THR D 14 3.98 -22.48 10.08
C THR D 14 4.99 -21.96 9.04
N LEU D 15 5.67 -22.88 8.36
CA LEU D 15 6.57 -22.53 7.25
C LEU D 15 5.69 -22.07 6.09
N VAL D 16 5.83 -20.83 5.67
CA VAL D 16 4.95 -20.26 4.62
C VAL D 16 5.37 -20.73 3.22
ZN ZN E . -8.48 -22.75 16.38
ZN ZN F . -0.40 -6.79 13.84
ZN ZN G . 8.30 24.89 -13.40
ZN ZN H . -0.34 17.27 0.31
#